data_4KWL
#
_entry.id   4KWL
#
_cell.length_a   57.560
_cell.length_b   57.560
_cell.length_c   122.000
_cell.angle_alpha   90.00
_cell.angle_beta   90.00
_cell.angle_gamma   90.00
#
_symmetry.space_group_name_H-M   'P 43 21 2'
#
loop_
_entity.id
_entity.type
_entity.pdbx_description
1 polymer 'Cysteine dioxygenase type 1'
2 non-polymer 'FE (II) ION'
3 non-polymer '3-disulfanylpropanoic acid'
4 water water
#
_entity_poly.entity_id   1
_entity_poly.type   'polypeptide(L)'
_entity_poly.pdbx_seq_one_letter_code
;MERTELLKPRTLADLIRILHELFAGDEVNVEEVQAVLEAYESNPAEWALYAKFDQYRYTRNLVDQGNGKFNLMILCWGEG
HGSSIHDHTDSHCFLKLLQGNLKETLFDWPDKKSNEMIKKSERTLRENQCAYINDSIGLHRVENVSHTEPAVSLHLYSPP
FDTCHAFDQRTGHKNKVTMTFHSKFGIRTPFTTSGSLENN
;
_entity_poly.pdbx_strand_id   A
#
loop_
_chem_comp.id
_chem_comp.type
_chem_comp.name
_chem_comp.formula
3SS non-polymer '3-disulfanylpropanoic acid' 'C3 H6 O2 S2'
FE2 non-polymer 'FE (II) ION' 'Fe 2'
#
# COMPACT_ATOMS: atom_id res chain seq x y z
N THR A 4 -21.21 5.76 12.72
CA THR A 4 -20.76 5.92 11.31
C THR A 4 -20.67 7.40 10.92
N GLU A 5 -21.53 7.78 9.97
CA GLU A 5 -21.49 9.06 9.28
C GLU A 5 -20.11 9.41 8.68
N LEU A 6 -19.75 8.66 7.62
CA LEU A 6 -18.55 8.96 6.87
C LEU A 6 -18.70 10.29 6.11
N LEU A 7 -17.79 11.23 6.36
CA LEU A 7 -17.77 12.48 5.62
C LEU A 7 -16.53 12.57 4.73
N LYS A 8 -16.61 13.38 3.68
CA LYS A 8 -15.48 13.51 2.75
C LYS A 8 -14.29 14.14 3.47
N PRO A 9 -13.14 13.46 3.45
CA PRO A 9 -11.97 14.12 4.02
C PRO A 9 -11.63 15.36 3.20
N ARG A 10 -11.45 16.48 3.87
CA ARG A 10 -11.19 17.73 3.18
C ARG A 10 -9.71 17.90 2.83
N THR A 11 -8.85 17.25 3.60
CA THR A 11 -7.39 17.35 3.48
C THR A 11 -6.81 16.01 3.96
N LEU A 12 -5.51 15.80 3.72
CA LEU A 12 -4.80 14.65 4.31
C LEU A 12 -4.95 14.60 5.84
N ALA A 13 -4.76 15.75 6.50
CA ALA A 13 -4.92 15.82 7.94
C ALA A 13 -6.30 15.34 8.39
N ASP A 14 -7.32 15.79 7.66
CA ASP A 14 -8.70 15.41 7.95
CA ASP A 14 -8.72 15.40 7.91
C ASP A 14 -8.89 13.90 7.74
N LEU A 15 -8.33 13.37 6.67
CA LEU A 15 -8.35 11.91 6.44
C LEU A 15 -7.78 11.14 7.62
N ILE A 16 -6.61 11.57 8.11
CA ILE A 16 -5.95 10.90 9.22
C ILE A 16 -6.87 10.90 10.44
N ARG A 17 -7.46 12.07 10.73
CA ARG A 17 -8.41 12.19 11.85
C ARG A 17 -9.57 11.18 11.70
N ILE A 18 -10.12 11.10 10.49
CA ILE A 18 -11.23 10.19 10.21
C ILE A 18 -10.80 8.72 10.39
N LEU A 19 -9.59 8.40 9.92
CA LEU A 19 -9.05 7.04 10.05
C LEU A 19 -8.88 6.67 11.53
N HIS A 20 -8.46 7.63 12.35
CA HIS A 20 -8.37 7.37 13.79
CA HIS A 20 -8.35 7.34 13.78
C HIS A 20 -9.70 6.97 14.35
N GLU A 21 -10.77 7.58 13.84
CA GLU A 21 -12.12 7.23 14.32
C GLU A 21 -12.52 5.82 13.86
N LEU A 22 -12.25 5.55 12.58
CA LEU A 22 -12.59 4.25 11.99
C LEU A 22 -11.82 3.08 12.59
N PHE A 23 -10.66 3.34 13.18
CA PHE A 23 -9.84 2.29 13.78
C PHE A 23 -9.85 2.40 15.31
N ALA A 24 -10.85 3.10 15.84
CA ALA A 24 -10.95 3.25 17.31
C ALA A 24 -11.22 1.92 18.02
N GLY A 25 -11.91 1.00 17.32
CA GLY A 25 -12.27 -0.32 17.86
C GLY A 25 -11.29 -1.41 17.46
N ASP A 26 -11.73 -2.65 17.60
CA ASP A 26 -10.85 -3.82 17.38
C ASP A 26 -11.05 -4.49 16.04
N GLU A 27 -12.08 -4.06 15.31
CA GLU A 27 -12.38 -4.58 13.99
C GLU A 27 -12.24 -3.46 12.95
N VAL A 28 -12.43 -3.83 11.69
CA VAL A 28 -12.23 -2.93 10.56
C VAL A 28 -13.38 -3.08 9.57
N ASN A 29 -14.10 -1.99 9.31
CA ASN A 29 -15.06 -1.98 8.22
C ASN A 29 -14.34 -1.63 6.93
N VAL A 30 -14.00 -2.65 6.16
CA VAL A 30 -13.13 -2.49 5.00
C VAL A 30 -13.76 -1.57 3.96
N GLU A 31 -15.06 -1.76 3.71
CA GLU A 31 -15.73 -0.96 2.71
C GLU A 31 -15.76 0.51 3.07
N GLU A 32 -15.94 0.82 4.36
CA GLU A 32 -15.93 2.21 4.82
C GLU A 32 -14.55 2.82 4.72
N VAL A 33 -13.54 2.08 5.17
CA VAL A 33 -12.16 2.56 5.06
C VAL A 33 -11.80 2.82 3.60
N GLN A 34 -12.14 1.88 2.71
CA GLN A 34 -11.86 2.06 1.29
C GLN A 34 -12.60 3.30 0.74
N ALA A 35 -13.85 3.47 1.15
CA ALA A 35 -14.63 4.60 0.65
C ALA A 35 -14.02 5.92 1.05
N VAL A 36 -13.60 6.02 2.30
N VAL A 36 -13.56 6.01 2.29
CA VAL A 36 -13.02 7.25 2.82
CA VAL A 36 -13.01 7.28 2.80
C VAL A 36 -11.70 7.57 2.08
C VAL A 36 -11.64 7.59 2.21
N LEU A 37 -10.84 6.56 1.92
CA LEU A 37 -9.58 6.75 1.21
C LEU A 37 -9.82 7.23 -0.21
N GLU A 38 -10.77 6.59 -0.90
CA GLU A 38 -11.11 6.97 -2.25
C GLU A 38 -11.62 8.41 -2.32
N ALA A 39 -12.41 8.81 -1.32
CA ALA A 39 -13.03 10.14 -1.29
C ALA A 39 -12.05 11.29 -1.07
N TYR A 40 -10.90 11.00 -0.47
CA TYR A 40 -9.86 12.06 -0.32
C TYR A 40 -9.30 12.40 -1.70
N GLU A 41 -9.43 13.66 -2.12
CA GLU A 41 -8.88 14.08 -3.41
C GLU A 41 -7.41 14.47 -3.22
N SER A 42 -6.50 13.73 -3.85
CA SER A 42 -5.07 13.94 -3.63
C SER A 42 -4.70 15.40 -3.86
N ASN A 43 -4.05 16.00 -2.87
CA ASN A 43 -3.55 17.36 -3.01
C ASN A 43 -2.05 17.34 -2.75
N PRO A 44 -1.24 17.44 -3.83
CA PRO A 44 0.21 17.27 -3.67
C PRO A 44 0.86 18.14 -2.60
N ALA A 45 0.38 19.37 -2.39
CA ALA A 45 0.99 20.22 -1.37
C ALA A 45 0.91 19.60 0.02
N GLU A 46 -0.14 18.80 0.27
CA GLU A 46 -0.39 18.21 1.60
C GLU A 46 0.52 17.04 1.92
N TRP A 47 1.09 16.41 0.88
CA TRP A 47 1.92 15.23 1.09
C TRP A 47 3.33 15.33 0.55
N ALA A 48 3.69 16.50 0.04
CA ALA A 48 5.05 16.71 -0.46
C ALA A 48 6.14 16.35 0.55
N LEU A 49 5.89 16.66 1.82
CA LEU A 49 6.81 16.34 2.90
C LEU A 49 7.22 14.87 2.92
N TYR A 50 6.30 14.00 2.53
CA TYR A 50 6.51 12.55 2.62
C TYR A 50 7.02 11.95 1.33
N ALA A 51 7.00 12.73 0.27
CA ALA A 51 7.26 12.19 -1.08
C ALA A 51 8.76 12.21 -1.40
N LYS A 52 9.49 11.37 -0.68
CA LYS A 52 10.95 11.32 -0.79
C LYS A 52 11.31 10.11 -1.62
N PHE A 53 11.82 10.34 -2.82
CA PHE A 53 12.17 9.25 -3.74
C PHE A 53 13.62 8.79 -3.60
N ASP A 54 13.86 7.55 -4.04
CA ASP A 54 15.22 7.00 -4.17
C ASP A 54 15.43 6.64 -5.64
N GLN A 55 16.65 6.80 -6.13
CA GLN A 55 16.98 6.55 -7.53
C GLN A 55 16.69 5.10 -7.93
N TYR A 56 16.94 4.17 -7.02
CA TYR A 56 17.07 2.77 -7.40
C TYR A 56 15.85 1.91 -7.12
N ARG A 57 15.08 2.26 -6.09
CA ARG A 57 13.89 1.48 -5.79
C ARG A 57 12.80 2.34 -5.14
N TYR A 58 11.59 1.79 -5.01
CA TYR A 58 10.55 2.55 -4.32
C TYR A 58 10.81 2.69 -2.82
N THR A 59 10.29 3.77 -2.24
CA THR A 59 10.53 4.10 -0.85
C THR A 59 9.23 4.08 -0.09
N ARG A 60 9.32 3.78 1.21
CA ARG A 60 8.18 3.73 2.13
C ARG A 60 8.39 4.81 3.19
N ASN A 61 7.43 5.73 3.27
CA ASN A 61 7.57 6.93 4.08
C ASN A 61 6.43 7.01 5.07
N LEU A 62 6.75 6.78 6.34
CA LEU A 62 5.71 6.68 7.38
C LEU A 62 5.07 8.04 7.64
N VAL A 63 3.73 8.06 7.64
CA VAL A 63 2.96 9.29 7.84
C VAL A 63 2.29 9.29 9.21
N ASP A 64 1.71 8.17 9.61
CA ASP A 64 0.98 8.09 10.86
C ASP A 64 1.05 6.66 11.39
N GLN A 65 1.20 6.52 12.71
CA GLN A 65 1.23 5.20 13.35
C GLN A 65 -0.09 4.70 13.92
N GLY A 66 -1.16 5.47 13.72
CA GLY A 66 -2.52 5.02 13.98
C GLY A 66 -2.82 4.58 15.39
N ASN A 67 -2.20 5.23 16.37
CA ASN A 67 -2.31 4.83 17.78
C ASN A 67 -2.11 3.33 17.92
N GLY A 68 -1.17 2.79 17.12
CA GLY A 68 -0.85 1.36 17.11
C GLY A 68 -1.75 0.42 16.33
N LYS A 69 -2.87 0.94 15.81
CA LYS A 69 -3.88 0.12 15.13
C LYS A 69 -3.55 -0.10 13.66
N PHE A 70 -2.80 0.83 13.09
CA PHE A 70 -2.50 0.80 11.67
C PHE A 70 -1.25 1.63 11.41
N ASN A 71 -0.58 1.36 10.28
CA ASN A 71 0.43 2.28 9.76
C ASN A 71 -0.12 2.90 8.49
N LEU A 72 0.05 4.21 8.37
CA LEU A 72 -0.28 4.92 7.15
C LEU A 72 1.02 5.45 6.58
N MET A 73 1.27 5.16 5.30
CA MET A 73 2.55 5.53 4.70
C MET A 73 2.39 5.90 3.25
N ILE A 74 3.36 6.63 2.74
CA ILE A 74 3.35 7.05 1.36
C ILE A 74 4.51 6.35 0.66
N LEU A 75 4.19 5.72 -0.46
CA LEU A 75 5.21 5.02 -1.23
C LEU A 75 5.51 5.80 -2.51
N CYS A 76 6.80 5.92 -2.83
CA CYS A 76 7.25 6.73 -3.95
C CYS A 76 7.96 5.83 -4.92
N TRP A 77 7.42 5.75 -6.14
CA TRP A 77 7.88 4.79 -7.14
C TRP A 77 8.50 5.52 -8.30
N GLY A 78 9.81 5.36 -8.47
CA GLY A 78 10.48 5.90 -9.65
C GLY A 78 9.95 5.17 -10.88
N GLU A 79 10.25 5.72 -12.04
CA GLU A 79 9.94 5.07 -13.30
C GLU A 79 10.52 3.66 -13.32
N GLY A 80 9.66 2.67 -13.55
CA GLY A 80 10.11 1.30 -13.65
C GLY A 80 10.29 0.58 -12.33
N HIS A 81 10.06 1.26 -11.20
CA HIS A 81 10.17 0.63 -9.88
C HIS A 81 8.99 -0.24 -9.60
N GLY A 82 9.22 -1.38 -8.98
CA GLY A 82 8.14 -2.25 -8.60
C GLY A 82 8.49 -3.12 -7.43
N SER A 83 7.49 -3.86 -6.98
CA SER A 83 7.61 -4.68 -5.80
C SER A 83 7.86 -6.15 -6.17
N SER A 84 8.16 -6.95 -5.15
N SER A 84 8.17 -6.96 -5.17
CA SER A 84 8.11 -8.40 -5.25
CA SER A 84 8.14 -8.41 -5.37
C SER A 84 6.67 -8.84 -5.38
C SER A 84 6.69 -8.86 -5.32
N ILE A 85 6.46 -10.13 -5.67
CA ILE A 85 5.15 -10.76 -5.44
C ILE A 85 5.18 -11.00 -3.94
N HIS A 86 4.17 -10.51 -3.23
CA HIS A 86 4.21 -10.56 -1.78
C HIS A 86 2.85 -10.75 -1.13
N ASP A 87 2.89 -11.18 0.12
CA ASP A 87 1.69 -11.26 0.97
C ASP A 87 1.63 -10.06 1.89
N HIS A 88 0.69 -10.09 2.83
CA HIS A 88 0.49 -8.98 3.77
C HIS A 88 0.32 -9.39 5.20
N THR A 89 0.90 -10.55 5.55
CA THR A 89 1.15 -10.89 6.95
C THR A 89 -0.11 -10.80 7.78
N ASP A 90 -1.20 -11.33 7.24
CA ASP A 90 -2.48 -11.38 7.95
C ASP A 90 -3.06 -10.01 8.31
N SER A 91 -2.67 -9.00 7.54
CA SER A 91 -3.18 -7.64 7.70
C SER A 91 -4.03 -7.21 6.51
N HIS A 92 -4.93 -6.26 6.77
CA HIS A 92 -5.57 -5.48 5.73
C HIS A 92 -4.56 -4.58 5.06
N CYS A 93 -4.63 -4.46 3.74
CA CYS A 93 -3.78 -3.53 3.01
C CYS A 93 -4.63 -2.71 2.03
N PHE A 94 -4.64 -1.39 2.21
CA PHE A 94 -5.33 -0.49 1.30
C PHE A 94 -4.26 0.33 0.59
N LEU A 95 -4.52 0.56 -0.69
N LEU A 95 -4.40 0.50 -0.71
CA LEU A 95 -3.60 1.22 -1.59
CA LEU A 95 -3.46 1.33 -1.45
C LEU A 95 -4.38 2.30 -2.34
C LEU A 95 -4.17 2.27 -2.41
N LYS A 96 -4.03 3.56 -2.14
CA LYS A 96 -4.69 4.62 -2.91
C LYS A 96 -3.68 5.38 -3.72
N LEU A 97 -3.93 5.55 -5.01
CA LEU A 97 -3.03 6.37 -5.82
C LEU A 97 -3.17 7.86 -5.52
N LEU A 98 -2.03 8.51 -5.29
CA LEU A 98 -1.96 9.97 -5.12
C LEU A 98 -1.41 10.65 -6.38
N GLN A 99 -0.58 9.95 -7.15
CA GLN A 99 0.00 10.50 -8.37
C GLN A 99 0.40 9.36 -9.29
N GLY A 100 0.11 9.50 -10.57
CA GLY A 100 0.53 8.51 -11.55
C GLY A 100 -0.37 7.28 -11.55
N ASN A 101 0.18 6.17 -12.02
CA ASN A 101 -0.54 4.92 -12.15
C ASN A 101 0.35 3.78 -11.69
N LEU A 102 -0.26 2.75 -11.14
CA LEU A 102 0.45 1.53 -10.79
C LEU A 102 -0.26 0.34 -11.39
N LYS A 103 0.51 -0.66 -11.80
CA LYS A 103 -0.05 -1.91 -12.30
C LYS A 103 -0.05 -2.92 -11.16
N GLU A 104 -1.22 -3.49 -10.88
CA GLU A 104 -1.31 -4.53 -9.87
C GLU A 104 -1.57 -5.86 -10.57
N THR A 105 -0.70 -6.83 -10.30
CA THR A 105 -0.88 -8.19 -10.79
C THR A 105 -1.21 -9.13 -9.62
N LEU A 106 -2.29 -9.89 -9.78
CA LEU A 106 -2.71 -10.86 -8.76
C LEU A 106 -2.20 -12.26 -9.03
N PHE A 107 -1.82 -12.94 -7.96
CA PHE A 107 -1.35 -14.33 -8.02
C PHE A 107 -2.04 -15.17 -6.96
N ASP A 108 -2.25 -16.44 -7.25
CA ASP A 108 -2.73 -17.36 -6.24
C ASP A 108 -1.59 -17.77 -5.31
N TRP A 109 -1.95 -18.16 -4.09
CA TRP A 109 -1.01 -18.80 -3.20
C TRP A 109 -0.47 -20.04 -3.89
N PRO A 110 0.87 -20.20 -3.90
CA PRO A 110 1.49 -21.39 -4.52
C PRO A 110 1.13 -22.68 -3.77
N ASP A 111 1.11 -23.80 -4.47
CA ASP A 111 1.08 -25.11 -3.82
C ASP A 111 2.51 -25.45 -3.39
N LYS A 112 2.67 -26.46 -2.54
CA LYS A 112 4.01 -26.80 -2.03
C LYS A 112 4.93 -27.39 -3.09
N LYS A 113 4.35 -27.75 -4.24
CA LYS A 113 5.13 -28.19 -5.40
C LYS A 113 5.76 -26.97 -6.08
N SER A 114 7.00 -27.14 -6.54
CA SER A 114 7.73 -26.06 -7.21
C SER A 114 7.25 -25.87 -8.65
N ASN A 115 6.56 -24.75 -8.88
CA ASN A 115 5.96 -24.42 -10.18
C ASN A 115 5.95 -22.94 -10.45
N GLU A 116 5.97 -22.58 -11.73
CA GLU A 116 5.74 -21.20 -12.18
C GLU A 116 4.44 -20.63 -11.57
N MET A 117 4.54 -19.43 -10.98
CA MET A 117 3.36 -18.71 -10.52
C MET A 117 2.73 -17.98 -11.71
N ILE A 118 1.54 -18.43 -12.10
CA ILE A 118 0.82 -17.82 -13.23
C ILE A 118 -0.11 -16.71 -12.75
N LYS A 119 -0.07 -15.55 -13.40
CA LYS A 119 -0.93 -14.45 -12.99
C LYS A 119 -2.41 -14.76 -13.16
N LYS A 120 -3.20 -14.41 -12.14
CA LYS A 120 -4.63 -14.63 -12.16
C LYS A 120 -5.35 -13.48 -12.87
N SER A 121 -4.83 -12.26 -12.71
CA SER A 121 -5.35 -11.08 -13.41
C SER A 121 -4.41 -9.90 -13.20
N GLU A 122 -4.67 -8.81 -13.92
CA GLU A 122 -3.96 -7.57 -13.69
C GLU A 122 -4.89 -6.38 -13.91
N ARG A 123 -4.59 -5.27 -13.24
CA ARG A 123 -5.30 -4.03 -13.49
C ARG A 123 -4.42 -2.81 -13.28
N THR A 124 -4.84 -1.70 -13.91
CA THR A 124 -4.14 -0.46 -13.78
C THR A 124 -4.89 0.40 -12.77
N LEU A 125 -4.22 0.69 -11.66
CA LEU A 125 -4.82 1.54 -10.64
C LEU A 125 -4.47 2.96 -11.02
N ARG A 126 -5.49 3.81 -11.07
CA ARG A 126 -5.29 5.19 -11.54
C ARG A 126 -5.41 6.20 -10.41
N GLU A 127 -4.99 7.42 -10.69
CA GLU A 127 -5.01 8.52 -9.70
C GLU A 127 -6.33 8.54 -8.93
N ASN A 128 -6.19 8.63 -7.61
CA ASN A 128 -7.26 8.65 -6.60
C ASN A 128 -8.01 7.35 -6.32
N GLN A 129 -7.83 6.34 -7.17
CA GLN A 129 -8.48 5.03 -6.93
C GLN A 129 -7.87 4.36 -5.70
N CYS A 130 -8.67 3.58 -4.98
CA CYS A 130 -8.17 2.84 -3.80
C CYS A 130 -8.44 1.36 -3.94
N ALA A 131 -7.37 0.57 -3.93
CA ALA A 131 -7.48 -0.88 -3.99
C ALA A 131 -7.34 -1.45 -2.60
N TYR A 132 -7.76 -2.71 -2.47
CA TYR A 132 -7.70 -3.43 -1.21
C TYR A 132 -7.20 -4.84 -1.47
N ILE A 133 -6.33 -5.33 -0.61
CA ILE A 133 -5.92 -6.73 -0.68
C ILE A 133 -5.71 -7.28 0.71
N ASN A 134 -5.91 -8.59 0.85
CA ASN A 134 -5.53 -9.30 2.06
C ASN A 134 -5.15 -10.73 1.66
N ASP A 135 -4.56 -11.48 2.60
CA ASP A 135 -4.07 -12.82 2.27
C ASP A 135 -5.19 -13.76 1.76
N SER A 136 -6.44 -13.54 2.18
CA SER A 136 -7.55 -14.39 1.76
CA SER A 136 -7.56 -14.38 1.76
C SER A 136 -7.85 -14.19 0.27
N ILE A 137 -7.57 -12.99 -0.23
CA ILE A 137 -7.77 -12.65 -1.64
C ILE A 137 -6.67 -13.28 -2.50
N GLY A 138 -5.44 -13.24 -2.01
CA GLY A 138 -4.29 -13.80 -2.73
C GLY A 138 -3.07 -12.92 -2.56
N LEU A 139 -2.11 -13.09 -3.46
CA LEU A 139 -0.85 -12.35 -3.45
C LEU A 139 -0.85 -11.33 -4.57
N HIS A 140 0.04 -10.33 -4.50
CA HIS A 140 0.14 -9.41 -5.63
C HIS A 140 1.51 -8.84 -5.82
N ARG A 141 1.73 -8.28 -7.00
CA ARG A 141 2.91 -7.46 -7.32
C ARG A 141 2.33 -6.10 -7.70
N VAL A 142 3.03 -5.04 -7.31
CA VAL A 142 2.60 -3.69 -7.67
C VAL A 142 3.79 -3.02 -8.35
N GLU A 143 3.57 -2.40 -9.50
CA GLU A 143 4.68 -1.88 -10.32
C GLU A 143 4.33 -0.54 -10.93
N ASN A 144 5.31 0.37 -10.96
CA ASN A 144 5.18 1.55 -11.78
C ASN A 144 5.80 1.21 -13.13
N VAL A 145 4.96 0.94 -14.12
CA VAL A 145 5.51 0.53 -15.43
C VAL A 145 5.88 1.73 -16.30
N SER A 146 5.55 2.92 -15.82
CA SER A 146 5.84 4.16 -16.58
C SER A 146 7.33 4.39 -16.79
N HIS A 147 7.68 4.83 -18.01
CA HIS A 147 9.04 5.28 -18.31
C HIS A 147 9.24 6.74 -18.05
N THR A 148 8.15 7.48 -17.86
CA THR A 148 8.23 8.95 -17.79
C THR A 148 7.57 9.60 -16.57
N GLU A 149 6.76 8.85 -15.84
CA GLU A 149 6.07 9.42 -14.69
C GLU A 149 6.29 8.64 -13.40
N PRO A 150 6.84 9.30 -12.38
CA PRO A 150 6.91 8.70 -11.05
C PRO A 150 5.49 8.51 -10.53
N ALA A 151 5.28 7.53 -9.63
CA ALA A 151 3.96 7.36 -9.02
C ALA A 151 4.13 7.55 -7.53
N VAL A 152 3.04 7.97 -6.87
CA VAL A 152 3.01 8.13 -5.42
C VAL A 152 1.71 7.50 -4.93
N SER A 153 1.80 6.63 -3.94
CA SER A 153 0.60 5.95 -3.42
C SER A 153 0.57 6.08 -1.89
N LEU A 154 -0.65 6.02 -1.35
CA LEU A 154 -0.89 6.09 0.07
C LEU A 154 -1.38 4.69 0.51
N HIS A 155 -0.65 4.09 1.44
CA HIS A 155 -0.94 2.73 1.91
C HIS A 155 -1.31 2.72 3.37
N LEU A 156 -2.31 1.92 3.70
CA LEU A 156 -2.75 1.72 5.07
C LEU A 156 -2.76 0.23 5.36
N TYR A 157 -2.10 -0.17 6.44
CA TYR A 157 -2.06 -1.57 6.83
C TYR A 157 -2.53 -1.72 8.24
N SER A 158 -3.42 -2.68 8.47
CA SER A 158 -3.91 -2.89 9.83
C SER A 158 -4.09 -4.39 10.08
N PRO A 159 -3.47 -4.91 11.15
CA PRO A 159 -2.53 -4.25 12.05
C PRO A 159 -1.26 -3.87 11.32
N PRO A 160 -0.40 -3.03 11.94
CA PRO A 160 0.86 -2.76 11.28
C PRO A 160 1.66 -4.05 11.19
N PHE A 161 2.51 -4.14 10.19
CA PHE A 161 3.47 -5.25 10.08
C PHE A 161 4.73 -4.76 9.40
N ASP A 162 5.87 -5.31 9.79
CA ASP A 162 7.12 -4.84 9.22
C ASP A 162 7.90 -5.97 8.58
N THR A 163 7.28 -7.16 8.53
CA THR A 163 7.80 -8.28 7.74
C THR A 163 6.71 -8.87 6.83
N CYS A 164 7.14 -9.43 5.70
CA CYS A 164 6.25 -10.18 4.81
C CYS A 164 7.08 -11.24 4.10
N HIS A 165 6.48 -11.91 3.12
CA HIS A 165 7.20 -12.85 2.26
C HIS A 165 7.21 -12.38 0.85
N ALA A 166 8.34 -12.54 0.19
CA ALA A 166 8.44 -12.35 -1.24
C ALA A 166 8.45 -13.74 -1.89
N PHE A 167 7.76 -13.88 -3.02
CA PHE A 167 7.63 -15.16 -3.70
C PHE A 167 8.41 -15.15 -5.01
N ASP A 168 9.19 -16.19 -5.23
CA ASP A 168 9.93 -16.38 -6.46
C ASP A 168 8.94 -16.81 -7.54
N GLN A 169 8.79 -15.98 -8.56
CA GLN A 169 7.78 -16.23 -9.59
C GLN A 169 8.02 -17.55 -10.34
N ARG A 170 9.27 -17.97 -10.43
CA ARG A 170 9.62 -19.18 -11.17
C ARG A 170 9.22 -20.46 -10.42
N THR A 171 9.23 -20.40 -9.10
CA THR A 171 9.02 -21.60 -8.26
C THR A 171 7.86 -21.53 -7.26
N GLY A 172 7.51 -20.32 -6.81
CA GLY A 172 6.55 -20.17 -5.72
C GLY A 172 7.21 -20.23 -4.34
N HIS A 173 8.52 -20.41 -4.31
CA HIS A 173 9.29 -20.43 -3.06
CA HIS A 173 9.24 -20.45 -3.04
C HIS A 173 9.26 -19.08 -2.41
N LYS A 174 9.02 -19.06 -1.11
CA LYS A 174 8.93 -17.79 -0.40
C LYS A 174 10.15 -17.50 0.48
N ASN A 175 10.44 -16.21 0.65
CA ASN A 175 11.52 -15.76 1.52
C ASN A 175 11.00 -14.62 2.40
N LYS A 176 11.37 -14.64 3.68
CA LYS A 176 10.96 -13.60 4.62
C LYS A 176 11.74 -12.31 4.30
N VAL A 177 11.03 -11.20 4.29
CA VAL A 177 11.59 -9.89 3.98
C VAL A 177 11.26 -8.97 5.16
N THR A 178 12.24 -8.18 5.60
CA THR A 178 11.98 -7.16 6.60
C THR A 178 11.82 -5.84 5.89
N MET A 179 10.68 -5.18 6.11
CA MET A 179 10.44 -3.92 5.47
C MET A 179 11.06 -2.79 6.26
N THR A 180 11.57 -1.81 5.54
CA THR A 180 12.20 -0.68 6.21
C THR A 180 11.49 0.60 5.79
N PHE A 181 11.68 1.64 6.59
CA PHE A 181 11.21 2.97 6.22
C PHE A 181 12.33 3.85 5.71
N HIS A 182 12.00 4.65 4.73
CA HIS A 182 12.92 5.59 4.17
C HIS A 182 12.87 6.85 5.00
N SER A 183 11.68 7.12 5.53
CA SER A 183 11.46 8.31 6.38
C SER A 183 10.30 8.07 7.33
N LYS A 184 10.26 8.83 8.42
CA LYS A 184 9.17 8.74 9.36
C LYS A 184 8.82 10.16 9.73
N PHE A 185 7.55 10.53 9.54
CA PHE A 185 7.02 11.86 9.85
C PHE A 185 7.80 12.99 9.17
N GLY A 186 8.21 12.75 7.93
CA GLY A 186 8.90 13.74 7.14
C GLY A 186 10.41 13.73 7.34
N ILE A 187 10.89 12.89 8.25
CA ILE A 187 12.31 12.86 8.61
C ILE A 187 13.00 11.61 8.04
N ARG A 188 14.04 11.82 7.24
CA ARG A 188 14.82 10.71 6.70
C ARG A 188 15.35 9.83 7.85
N THR A 189 15.19 8.52 7.73
CA THR A 189 15.60 7.61 8.81
C THR A 189 16.48 6.57 8.16
N PRO A 190 17.81 6.83 8.18
CA PRO A 190 18.85 6.10 7.45
C PRO A 190 18.98 4.64 7.90
FE FE2 B . 1.12 -5.24 -1.33
C1 3SS C . 4.31 -3.17 -0.45
C2 3SS C . 4.02 -2.20 -1.59
C4 3SS C . 5.08 -2.45 0.65
O5 3SS C . 4.48 -1.94 1.63
O6 3SS C . 6.31 -2.38 0.53
S7 3SS C . 2.66 -2.68 -2.62
S1 3SS C . 1.10 -3.01 -1.33
#